data_3C8F
#
_entry.id   3C8F
#
_cell.length_a   58.051
_cell.length_b   58.051
_cell.length_c   117.466
_cell.angle_alpha   90.000
_cell.angle_beta   90.000
_cell.angle_gamma   120.000
#
_symmetry.space_group_name_H-M   'P 31 2 1'
#
loop_
_entity.id
_entity.type
_entity.pdbx_description
1 polymer 'Pyruvate formate-lyase 1-activating enzyme'
2 non-polymer 'IRON/SULFUR CLUSTER'
3 non-polymer [(3S)-3-amino-3-carboxypropyl](ethyl)methylsulfonium
4 non-polymer 'TRIETHYLENE GLYCOL'
5 water water
#
_entity_poly.entity_id   1
_entity_poly.type   'polypeptide(L)'
_entity_poly.pdbx_seq_one_letter_code
;SVIGRIHSFESCGTVDGPGIRFITFFQGCLMRCLYCHNRDTWDTHGGKEVTVEDLMKEVVTYRHFMNASGGGVTASGGEA
ILQAEFVRDWFRACKKEGIHTCLDTNGFVRRYDPVIDELLEVTDLVMLDLKQMNDEIHQNLVGVSNHRTLEFAKYLANKN
VKVWIRYVVVPGWSDDDDSAHRLGEFTRDMGNVEKIELLPYHELGKHKWVAMGEEYKLDGVKPPKKETMERVKGILEQYG
HKVMF
;
_entity_poly.pdbx_strand_id   A
#
# COMPACT_ATOMS: atom_id res chain seq x y z
N SER A 1 -22.33 -13.26 -6.77
CA SER A 1 -22.57 -11.83 -7.10
C SER A 1 -21.30 -11.09 -7.50
N VAL A 2 -20.59 -10.54 -6.51
CA VAL A 2 -19.38 -9.79 -6.78
C VAL A 2 -18.16 -10.64 -7.16
N ILE A 3 -17.62 -10.38 -8.34
CA ILE A 3 -16.44 -11.08 -8.83
C ILE A 3 -15.22 -10.15 -8.77
N GLY A 4 -14.06 -10.70 -8.42
CA GLY A 4 -12.85 -9.90 -8.33
C GLY A 4 -11.85 -10.21 -9.43
N ARG A 5 -11.04 -9.21 -9.80
CA ARG A 5 -10.03 -9.37 -10.84
C ARG A 5 -8.65 -9.23 -10.18
N ILE A 6 -7.88 -10.31 -10.16
CA ILE A 6 -6.58 -10.28 -9.51
C ILE A 6 -5.39 -10.59 -10.40
N HIS A 7 -4.24 -10.07 -10.01
CA HIS A 7 -2.99 -10.31 -10.74
C HIS A 7 -2.41 -11.62 -10.24
N SER A 8 -2.51 -11.84 -8.93
CA SER A 8 -1.99 -13.06 -8.30
C SER A 8 -2.20 -13.02 -6.79
N PHE A 9 -1.73 -14.07 -6.12
CA PHE A 9 -1.80 -14.17 -4.67
C PHE A 9 -0.63 -15.01 -4.24
N GLU A 10 -0.06 -14.69 -3.08
CA GLU A 10 1.07 -15.44 -2.54
C GLU A 10 1.07 -15.34 -1.03
N SER A 11 1.48 -16.41 -0.36
CA SER A 11 1.56 -16.39 1.09
C SER A 11 2.98 -15.94 1.38
N CYS A 12 3.21 -15.33 2.53
CA CYS A 12 4.54 -14.85 2.83
C CYS A 12 4.69 -14.48 4.29
N GLY A 13 5.87 -14.79 4.86
CA GLY A 13 6.13 -14.49 6.25
C GLY A 13 6.16 -12.99 6.49
N THR A 14 5.35 -12.53 7.43
CA THR A 14 5.30 -11.10 7.73
C THR A 14 6.69 -10.62 8.17
N VAL A 15 7.18 -9.62 7.47
CA VAL A 15 8.49 -9.02 7.71
C VAL A 15 9.04 -9.07 9.16
N ASP A 16 8.16 -8.99 10.15
CA ASP A 16 8.62 -9.00 11.55
C ASP A 16 7.99 -10.04 12.49
N GLY A 17 6.96 -10.74 12.04
CA GLY A 17 6.33 -11.72 12.92
C GLY A 17 6.39 -13.16 12.44
N PRO A 18 6.12 -14.13 13.33
CA PRO A 18 6.12 -15.57 13.02
C PRO A 18 4.94 -16.03 12.19
N GLY A 19 3.90 -15.21 12.11
CA GLY A 19 2.74 -15.58 11.32
C GLY A 19 3.02 -15.47 9.85
N ILE A 20 2.10 -15.96 9.03
CA ILE A 20 2.23 -15.89 7.58
C ILE A 20 1.13 -14.93 7.11
N ARG A 21 1.33 -14.28 5.98
CA ARG A 21 0.28 -13.43 5.45
C ARG A 21 -0.05 -13.88 4.06
N PHE A 22 -1.34 -14.07 3.79
CA PHE A 22 -1.77 -14.44 2.46
C PHE A 22 -2.05 -13.11 1.79
N ILE A 23 -1.32 -12.82 0.72
CA ILE A 23 -1.47 -11.55 0.02
C ILE A 23 -2.05 -11.73 -1.36
N THR A 24 -3.13 -11.00 -1.63
CA THR A 24 -3.78 -11.06 -2.93
C THR A 24 -3.50 -9.73 -3.62
N PHE A 25 -2.84 -9.78 -4.78
CA PHE A 25 -2.56 -8.56 -5.51
C PHE A 25 -3.67 -8.35 -6.52
N PHE A 26 -4.52 -7.38 -6.26
CA PHE A 26 -5.63 -7.10 -7.15
C PHE A 26 -5.11 -6.41 -8.41
N GLN A 27 -5.74 -6.73 -9.53
CA GLN A 27 -5.38 -6.21 -10.83
C GLN A 27 -5.93 -4.80 -11.06
N GLY A 28 -5.08 -3.90 -11.57
CA GLY A 28 -5.53 -2.54 -11.85
C GLY A 28 -5.10 -1.41 -10.96
N CYS A 29 -4.54 -0.36 -11.56
CA CYS A 29 -4.09 0.80 -10.81
C CYS A 29 -4.17 2.06 -11.67
N LEU A 30 -4.68 3.14 -11.09
CA LEU A 30 -4.83 4.40 -11.83
C LEU A 30 -3.63 5.35 -11.73
N MET A 31 -2.63 4.96 -10.93
CA MET A 31 -1.44 5.78 -10.79
C MET A 31 -0.41 5.24 -11.78
N ARG A 32 0.68 5.98 -11.96
CA ARG A 32 1.70 5.56 -12.92
C ARG A 32 3.10 5.91 -12.39
N CYS A 33 3.34 5.56 -11.13
CA CYS A 33 4.64 5.83 -10.49
C CYS A 33 5.82 5.43 -11.38
N LEU A 34 6.69 6.39 -11.65
CA LEU A 34 7.85 6.15 -12.49
C LEU A 34 8.67 4.95 -11.98
N TYR A 35 8.60 4.68 -10.68
CA TYR A 35 9.35 3.56 -10.11
C TYR A 35 8.54 2.30 -9.87
N CYS A 36 7.30 2.26 -10.34
CA CYS A 36 6.45 1.11 -10.12
C CYS A 36 7.16 -0.24 -10.15
N HIS A 37 6.93 -1.04 -9.11
CA HIS A 37 7.52 -2.36 -9.00
C HIS A 37 6.96 -3.31 -10.05
N ASN A 38 5.65 -3.25 -10.28
CA ASN A 38 5.02 -4.12 -11.26
C ASN A 38 3.97 -3.39 -12.09
N ARG A 39 4.36 -2.93 -13.27
CA ARG A 39 3.45 -2.21 -14.15
C ARG A 39 2.42 -3.14 -14.77
N ASP A 40 2.56 -4.45 -14.54
CA ASP A 40 1.60 -5.40 -15.08
C ASP A 40 0.30 -5.41 -14.29
N THR A 41 0.29 -4.67 -13.19
CA THR A 41 -0.92 -4.59 -12.37
C THR A 41 -1.75 -3.39 -12.84
N TRP A 42 -1.17 -2.53 -13.68
CA TRP A 42 -1.86 -1.34 -14.17
C TRP A 42 -3.23 -1.55 -14.82
N ASP A 43 -3.28 -2.43 -15.83
CA ASP A 43 -4.49 -2.69 -16.59
C ASP A 43 -5.66 -3.21 -15.75
N THR A 44 -6.73 -2.43 -15.70
CA THR A 44 -7.91 -2.80 -14.92
C THR A 44 -8.72 -3.89 -15.60
N HIS A 45 -8.31 -4.27 -16.80
CA HIS A 45 -8.99 -5.30 -17.57
C HIS A 45 -8.13 -6.56 -17.74
N GLY A 46 -7.14 -6.71 -16.87
CA GLY A 46 -6.28 -7.87 -16.94
C GLY A 46 -6.53 -8.78 -15.75
N GLY A 47 -5.58 -9.65 -15.47
CA GLY A 47 -5.71 -10.56 -14.34
C GLY A 47 -6.67 -11.72 -14.52
N LYS A 48 -6.96 -12.38 -13.40
CA LYS A 48 -7.86 -13.52 -13.37
C LYS A 48 -9.11 -13.21 -12.57
N GLU A 49 -10.22 -13.85 -12.94
CA GLU A 49 -11.49 -13.66 -12.25
C GLU A 49 -11.59 -14.67 -11.12
N VAL A 50 -11.88 -14.18 -9.91
CA VAL A 50 -12.01 -15.07 -8.77
C VAL A 50 -13.17 -14.62 -7.89
N THR A 51 -13.75 -15.57 -7.17
CA THR A 51 -14.85 -15.25 -6.27
C THR A 51 -14.31 -15.28 -4.86
N VAL A 52 -15.06 -14.70 -3.92
CA VAL A 52 -14.64 -14.70 -2.54
C VAL A 52 -14.40 -16.14 -2.10
N GLU A 53 -15.31 -17.03 -2.52
CA GLU A 53 -15.22 -18.44 -2.20
C GLU A 53 -13.89 -19.02 -2.66
N ASP A 54 -13.46 -18.66 -3.85
CA ASP A 54 -12.20 -19.13 -4.41
C ASP A 54 -10.97 -18.77 -3.55
N LEU A 55 -10.91 -17.52 -3.11
CA LEU A 55 -9.80 -17.04 -2.28
C LEU A 55 -9.76 -17.68 -0.90
N MET A 56 -10.92 -17.84 -0.27
CA MET A 56 -10.96 -18.45 1.05
C MET A 56 -10.45 -19.90 1.03
N LYS A 57 -10.67 -20.60 -0.07
CA LYS A 57 -10.21 -21.98 -0.17
C LYS A 57 -8.68 -22.01 -0.33
N GLU A 58 -8.12 -20.87 -0.73
CA GLU A 58 -6.68 -20.76 -0.88
C GLU A 58 -6.06 -20.34 0.46
N VAL A 59 -6.80 -19.56 1.24
CA VAL A 59 -6.30 -19.08 2.52
C VAL A 59 -6.38 -20.12 3.64
N VAL A 60 -7.35 -21.02 3.54
CA VAL A 60 -7.51 -22.05 4.56
C VAL A 60 -6.29 -22.89 4.83
N THR A 61 -5.61 -23.36 3.80
CA THR A 61 -4.43 -24.17 4.01
C THR A 61 -3.41 -23.47 4.91
N TYR A 62 -3.41 -22.14 4.91
CA TYR A 62 -2.46 -21.38 5.74
C TYR A 62 -2.98 -20.99 7.10
N ARG A 63 -4.24 -21.33 7.39
CA ARG A 63 -4.87 -20.97 8.66
C ARG A 63 -4.01 -21.10 9.90
N HIS A 64 -3.43 -22.27 10.09
CA HIS A 64 -2.60 -22.49 11.27
C HIS A 64 -1.50 -21.43 11.44
N PHE A 65 -1.05 -20.84 10.33
CA PHE A 65 0.00 -19.83 10.36
C PHE A 65 -0.47 -18.40 10.58
N MET A 66 -1.77 -18.16 10.46
CA MET A 66 -2.28 -16.81 10.62
C MET A 66 -2.70 -16.43 12.03
N ASN A 67 -2.76 -17.40 12.95
CA ASN A 67 -3.14 -17.06 14.30
C ASN A 67 -1.91 -16.55 15.06
N ALA A 68 -0.79 -16.49 14.36
CA ALA A 68 0.46 -16.00 14.95
C ALA A 68 0.48 -14.50 14.65
N SER A 69 0.81 -13.71 15.67
CA SER A 69 0.87 -12.24 15.58
C SER A 69 0.54 -11.63 14.22
N GLY A 70 1.56 -11.37 13.42
CA GLY A 70 1.37 -10.76 12.12
C GLY A 70 0.71 -11.62 11.05
N GLY A 71 0.20 -12.79 11.43
CA GLY A 71 -0.45 -13.63 10.44
C GLY A 71 -1.80 -13.04 10.05
N GLY A 72 -2.24 -13.31 8.83
CA GLY A 72 -3.52 -12.78 8.39
C GLY A 72 -3.55 -12.61 6.88
N VAL A 73 -4.45 -11.76 6.38
CA VAL A 73 -4.53 -11.53 4.94
C VAL A 73 -4.27 -10.07 4.56
N THR A 74 -3.91 -9.85 3.32
CA THR A 74 -3.66 -8.50 2.86
C THR A 74 -4.13 -8.28 1.45
N ALA A 75 -4.84 -7.17 1.25
CA ALA A 75 -5.33 -6.83 -0.08
C ALA A 75 -4.38 -5.76 -0.58
N SER A 76 -3.60 -6.12 -1.60
CA SER A 76 -2.63 -5.22 -2.21
C SER A 76 -2.88 -5.30 -3.70
N GLY A 77 -1.78 -5.19 -4.46
CA GLY A 77 -1.85 -5.30 -5.90
C GLY A 77 -1.35 -4.05 -6.57
N GLY A 78 -2.29 -3.42 -7.26
CA GLY A 78 -2.04 -2.15 -7.89
C GLY A 78 -2.77 -1.38 -6.82
N GLU A 79 -4.05 -1.09 -7.04
CA GLU A 79 -4.88 -0.37 -6.08
C GLU A 79 -6.11 -1.20 -5.73
N ALA A 80 -6.04 -1.92 -4.62
CA ALA A 80 -7.14 -2.78 -4.19
C ALA A 80 -8.44 -2.04 -3.92
N ILE A 81 -8.32 -0.77 -3.56
CA ILE A 81 -9.48 0.04 -3.24
C ILE A 81 -10.38 0.30 -4.45
N LEU A 82 -9.87 0.05 -5.64
CA LEU A 82 -10.66 0.23 -6.86
C LEU A 82 -11.71 -0.86 -6.92
N GLN A 83 -11.46 -1.98 -6.25
CA GLN A 83 -12.40 -3.09 -6.21
C GLN A 83 -12.89 -3.22 -4.78
N ALA A 84 -13.22 -2.08 -4.18
CA ALA A 84 -13.68 -2.05 -2.80
C ALA A 84 -14.86 -2.93 -2.44
N GLU A 85 -15.75 -3.22 -3.38
CA GLU A 85 -16.88 -4.07 -3.03
C GLU A 85 -16.38 -5.49 -2.72
N PHE A 86 -15.59 -6.03 -3.64
CA PHE A 86 -15.06 -7.37 -3.47
C PHE A 86 -14.19 -7.50 -2.22
N VAL A 87 -13.27 -6.57 -2.01
CA VAL A 87 -12.41 -6.64 -0.85
C VAL A 87 -13.25 -6.65 0.44
N ARG A 88 -14.35 -5.91 0.44
CA ARG A 88 -15.24 -5.87 1.58
C ARG A 88 -15.77 -7.27 1.86
N ASP A 89 -16.26 -7.91 0.81
CA ASP A 89 -16.79 -9.27 0.93
C ASP A 89 -15.69 -10.25 1.33
N TRP A 90 -14.50 -10.11 0.76
CA TRP A 90 -13.40 -11.00 1.12
C TRP A 90 -13.11 -10.82 2.60
N PHE A 91 -12.89 -9.57 3.00
CA PHE A 91 -12.58 -9.27 4.40
C PHE A 91 -13.69 -9.74 5.35
N ARG A 92 -14.94 -9.70 4.87
CA ARG A 92 -16.05 -10.14 5.71
C ARG A 92 -15.98 -11.65 5.89
N ALA A 93 -15.65 -12.36 4.82
CA ALA A 93 -15.55 -13.82 4.94
C ALA A 93 -14.38 -14.19 5.84
N CYS A 94 -13.32 -13.36 5.82
CA CYS A 94 -12.14 -13.59 6.64
C CYS A 94 -12.41 -13.33 8.12
N LYS A 95 -13.16 -12.26 8.39
CA LYS A 95 -13.50 -11.89 9.76
C LYS A 95 -14.27 -13.03 10.46
N LYS A 96 -15.08 -13.78 9.71
CA LYS A 96 -15.84 -14.87 10.30
C LYS A 96 -14.95 -16.10 10.51
N GLU A 97 -13.77 -16.10 9.89
CA GLU A 97 -12.83 -17.20 10.04
C GLU A 97 -11.79 -16.84 11.09
N GLY A 98 -11.97 -15.69 11.72
CA GLY A 98 -11.07 -15.25 12.76
C GLY A 98 -9.72 -14.83 12.22
N ILE A 99 -9.74 -14.19 11.05
CA ILE A 99 -8.53 -13.74 10.36
C ILE A 99 -8.29 -12.22 10.40
N HIS A 100 -7.03 -11.85 10.62
CA HIS A 100 -6.63 -10.45 10.67
C HIS A 100 -6.62 -9.90 9.24
N THR A 101 -7.11 -8.68 9.05
CA THR A 101 -7.17 -8.11 7.70
C THR A 101 -6.41 -6.80 7.52
N CYS A 102 -5.64 -6.69 6.44
CA CYS A 102 -4.90 -5.47 6.16
C CYS A 102 -5.14 -4.97 4.75
N LEU A 103 -5.48 -3.69 4.63
CA LEU A 103 -5.72 -3.09 3.34
C LEU A 103 -4.49 -2.29 2.94
N ASP A 104 -3.73 -2.76 1.96
CA ASP A 104 -2.54 -2.03 1.50
C ASP A 104 -3.02 -1.18 0.33
N THR A 105 -2.97 0.14 0.48
CA THR A 105 -3.47 1.03 -0.55
C THR A 105 -2.73 2.35 -0.75
N ASN A 106 -3.00 2.99 -1.87
CA ASN A 106 -2.42 4.28 -2.22
C ASN A 106 -3.45 5.34 -1.86
N GLY A 107 -4.63 4.88 -1.45
CA GLY A 107 -5.70 5.78 -1.05
C GLY A 107 -6.22 6.69 -2.14
N PHE A 108 -6.07 6.27 -3.39
CA PHE A 108 -6.53 7.08 -4.50
C PHE A 108 -8.04 6.87 -4.66
N VAL A 109 -8.80 7.25 -3.63
CA VAL A 109 -10.25 7.11 -3.63
C VAL A 109 -10.90 8.25 -4.40
N ARG A 110 -11.63 7.88 -5.45
CA ARG A 110 -12.28 8.84 -6.31
C ARG A 110 -13.57 9.42 -5.72
N ARG A 111 -14.46 8.54 -5.25
CA ARG A 111 -15.73 8.97 -4.68
C ARG A 111 -15.93 8.36 -3.30
N TYR A 112 -16.66 9.02 -2.43
CA TYR A 112 -16.87 8.49 -1.09
C TYR A 112 -18.23 7.86 -0.83
N ASP A 113 -18.49 6.76 -1.51
CA ASP A 113 -19.73 6.04 -1.33
C ASP A 113 -19.59 5.20 -0.07
N PRO A 114 -20.72 4.76 0.51
CA PRO A 114 -20.79 3.95 1.74
C PRO A 114 -19.95 2.66 1.75
N VAL A 115 -19.65 2.12 0.59
CA VAL A 115 -18.88 0.89 0.51
C VAL A 115 -17.51 1.05 1.20
N ILE A 116 -16.95 2.27 1.16
CA ILE A 116 -15.66 2.50 1.80
C ILE A 116 -15.78 2.30 3.30
N ASP A 117 -16.81 2.90 3.89
CA ASP A 117 -17.04 2.76 5.33
C ASP A 117 -17.25 1.29 5.66
N GLU A 118 -17.96 0.58 4.80
CA GLU A 118 -18.22 -0.84 4.99
C GLU A 118 -16.89 -1.57 4.95
N LEU A 119 -16.05 -1.21 3.99
CA LEU A 119 -14.75 -1.85 3.87
C LEU A 119 -13.97 -1.67 5.16
N LEU A 120 -13.90 -0.44 5.65
CA LEU A 120 -13.15 -0.18 6.88
C LEU A 120 -13.65 -0.92 8.12
N GLU A 121 -14.95 -1.18 8.20
CA GLU A 121 -15.52 -1.88 9.35
C GLU A 121 -14.91 -3.27 9.51
N VAL A 122 -14.50 -3.85 8.40
CA VAL A 122 -13.93 -5.18 8.41
C VAL A 122 -12.43 -5.17 8.04
N THR A 123 -11.80 -4.00 8.23
CA THR A 123 -10.38 -3.83 7.95
C THR A 123 -9.62 -3.55 9.25
N ASP A 124 -8.82 -4.50 9.72
CA ASP A 124 -8.09 -4.28 10.97
C ASP A 124 -6.91 -3.33 10.83
N LEU A 125 -6.26 -3.32 9.66
CA LEU A 125 -5.11 -2.43 9.47
C LEU A 125 -5.02 -1.85 8.07
N VAL A 126 -4.81 -0.53 7.98
CA VAL A 126 -4.67 0.10 6.67
C VAL A 126 -3.19 0.52 6.49
N MET A 127 -2.57 -0.02 5.45
CA MET A 127 -1.18 0.31 5.12
C MET A 127 -1.28 1.34 4.00
N LEU A 128 -0.97 2.60 4.31
CA LEU A 128 -1.08 3.68 3.34
C LEU A 128 0.24 4.18 2.75
N ASP A 129 0.33 4.13 1.43
CA ASP A 129 1.52 4.61 0.72
C ASP A 129 1.40 6.13 0.52
N LEU A 130 2.31 6.89 1.11
CA LEU A 130 2.32 8.35 0.94
C LEU A 130 3.58 8.60 0.12
N LYS A 131 3.38 8.80 -1.17
CA LYS A 131 4.47 8.97 -2.10
C LYS A 131 5.17 10.32 -2.14
N GLN A 132 4.50 11.39 -1.74
CA GLN A 132 5.11 12.73 -1.73
C GLN A 132 4.16 13.82 -1.27
N MET A 133 4.56 14.54 -0.23
CA MET A 133 3.77 15.63 0.33
C MET A 133 3.77 16.84 -0.58
N ASN A 134 4.87 17.06 -1.28
CA ASN A 134 4.94 18.20 -2.20
C ASN A 134 4.20 17.76 -3.43
N ASP A 135 3.02 18.32 -3.66
CA ASP A 135 2.24 17.94 -4.81
C ASP A 135 2.95 18.21 -6.13
N GLU A 136 3.78 19.25 -6.18
CA GLU A 136 4.51 19.56 -7.40
C GLU A 136 5.32 18.35 -7.82
N ILE A 137 6.09 17.79 -6.89
CA ILE A 137 6.90 16.61 -7.17
C ILE A 137 6.04 15.36 -7.37
N HIS A 138 5.01 15.22 -6.53
CA HIS A 138 4.10 14.09 -6.61
C HIS A 138 3.51 13.96 -8.02
N GLN A 139 3.05 15.08 -8.58
CA GLN A 139 2.50 15.03 -9.94
C GLN A 139 3.54 14.46 -10.90
N ASN A 140 4.78 14.93 -10.79
CA ASN A 140 5.87 14.49 -11.65
C ASN A 140 6.31 13.05 -11.44
N LEU A 141 6.18 12.56 -10.21
CA LEU A 141 6.60 11.20 -9.91
C LEU A 141 5.51 10.17 -10.15
N VAL A 142 4.26 10.52 -9.80
CA VAL A 142 3.13 9.59 -9.92
C VAL A 142 2.23 9.78 -11.15
N GLY A 143 2.01 11.03 -11.54
CA GLY A 143 1.16 11.31 -12.69
C GLY A 143 -0.18 11.90 -12.28
N VAL A 144 -0.40 12.00 -10.98
CA VAL A 144 -1.64 12.52 -10.43
C VAL A 144 -1.32 13.33 -9.20
N SER A 145 -2.28 14.14 -8.77
CA SER A 145 -2.10 14.95 -7.57
C SER A 145 -2.29 14.05 -6.35
N ASN A 146 -1.73 14.46 -5.21
CA ASN A 146 -1.86 13.69 -3.97
C ASN A 146 -3.11 14.13 -3.18
N HIS A 147 -3.82 15.12 -3.71
CA HIS A 147 -5.01 15.62 -3.04
C HIS A 147 -5.96 14.54 -2.57
N ARG A 148 -6.32 13.61 -3.45
CA ARG A 148 -7.24 12.56 -3.05
C ARG A 148 -6.64 11.68 -1.96
N THR A 149 -5.41 11.22 -2.15
CA THR A 149 -4.75 10.38 -1.16
C THR A 149 -4.76 11.10 0.17
N LEU A 150 -4.41 12.39 0.16
CA LEU A 150 -4.39 13.19 1.39
C LEU A 150 -5.77 13.30 2.05
N GLU A 151 -6.84 13.47 1.26
CA GLU A 151 -8.16 13.57 1.85
C GLU A 151 -8.46 12.21 2.48
N PHE A 152 -8.15 11.14 1.74
CA PHE A 152 -8.39 9.81 2.26
C PHE A 152 -7.69 9.62 3.61
N ALA A 153 -6.43 10.05 3.70
CA ALA A 153 -5.68 9.93 4.95
C ALA A 153 -6.40 10.59 6.11
N LYS A 154 -6.89 11.81 5.87
CA LYS A 154 -7.60 12.55 6.90
C LYS A 154 -8.90 11.82 7.19
N TYR A 155 -9.44 11.17 6.16
CA TYR A 155 -10.68 10.42 6.32
C TYR A 155 -10.46 9.29 7.33
N LEU A 156 -9.33 8.59 7.18
CA LEU A 156 -8.98 7.49 8.06
C LEU A 156 -8.73 7.93 9.51
N ALA A 157 -8.12 9.11 9.66
CA ALA A 157 -7.82 9.64 10.99
C ALA A 157 -9.11 9.94 11.75
N ASN A 158 -10.02 10.65 11.10
CA ASN A 158 -11.30 11.01 11.71
C ASN A 158 -12.11 9.78 12.09
N LYS A 159 -11.79 8.64 11.46
CA LYS A 159 -12.48 7.39 11.75
C LYS A 159 -11.73 6.56 12.80
N ASN A 160 -10.52 6.99 13.12
CA ASN A 160 -9.69 6.29 14.10
C ASN A 160 -9.38 4.87 13.66
N VAL A 161 -8.94 4.75 12.42
CA VAL A 161 -8.55 3.48 11.83
C VAL A 161 -7.04 3.35 12.05
N LYS A 162 -6.57 2.20 12.53
CA LYS A 162 -5.13 2.03 12.76
C LYS A 162 -4.45 2.09 11.40
N VAL A 163 -3.42 2.92 11.29
CA VAL A 163 -2.71 3.09 10.03
C VAL A 163 -1.20 2.99 10.13
N TRP A 164 -0.61 2.32 9.16
CA TRP A 164 0.84 2.23 9.05
C TRP A 164 1.08 3.00 7.77
N ILE A 165 2.20 3.71 7.69
CA ILE A 165 2.49 4.47 6.49
C ILE A 165 3.72 3.89 5.83
N ARG A 166 3.72 3.91 4.50
CA ARG A 166 4.85 3.44 3.70
C ARG A 166 5.31 4.62 2.86
N TYR A 167 6.61 4.89 2.87
CA TYR A 167 7.17 6.00 2.11
C TYR A 167 8.39 5.51 1.33
N VAL A 168 8.37 5.70 0.01
CA VAL A 168 9.48 5.28 -0.82
C VAL A 168 10.47 6.43 -0.97
N VAL A 169 11.71 6.21 -0.53
CA VAL A 169 12.75 7.22 -0.63
C VAL A 169 13.54 7.10 -1.93
N VAL A 170 13.46 8.13 -2.76
CA VAL A 170 14.18 8.13 -4.02
C VAL A 170 14.97 9.43 -4.15
N PRO A 171 16.31 9.33 -4.27
CA PRO A 171 17.24 10.46 -4.40
C PRO A 171 16.85 11.45 -5.49
N GLY A 172 16.74 12.72 -5.12
CA GLY A 172 16.36 13.73 -6.10
C GLY A 172 14.86 13.95 -6.15
N TRP A 173 14.08 13.04 -5.54
CA TRP A 173 12.63 13.18 -5.54
C TRP A 173 12.00 13.18 -4.16
N SER A 174 12.31 12.16 -3.36
CA SER A 174 11.74 12.07 -2.02
C SER A 174 12.78 11.99 -0.91
N ASP A 175 14.02 12.35 -1.24
CA ASP A 175 15.11 12.35 -0.27
C ASP A 175 15.26 13.74 0.34
N ASP A 176 14.53 14.69 -0.23
CA ASP A 176 14.53 16.08 0.22
C ASP A 176 14.23 16.10 1.72
N ASP A 177 14.82 17.04 2.46
CA ASP A 177 14.57 17.12 3.89
C ASP A 177 13.24 17.86 4.16
N ASP A 178 12.92 18.82 3.31
CA ASP A 178 11.68 19.59 3.46
C ASP A 178 10.47 18.69 3.29
N SER A 179 10.66 17.60 2.55
CA SER A 179 9.58 16.66 2.29
C SER A 179 9.43 15.66 3.44
N ALA A 180 10.53 15.31 4.09
CA ALA A 180 10.47 14.38 5.20
C ALA A 180 9.72 15.03 6.37
N HIS A 181 9.93 16.32 6.54
CA HIS A 181 9.30 17.08 7.61
C HIS A 181 7.82 17.25 7.35
N ARG A 182 7.47 17.47 6.09
CA ARG A 182 6.08 17.64 5.70
C ARG A 182 5.37 16.30 5.97
N LEU A 183 6.02 15.20 5.64
CA LEU A 183 5.46 13.89 5.87
C LEU A 183 5.35 13.58 7.36
N GLY A 184 6.42 13.87 8.09
CA GLY A 184 6.41 13.62 9.52
C GLY A 184 5.36 14.45 10.22
N GLU A 185 5.25 15.70 9.81
CA GLU A 185 4.27 16.59 10.40
C GLU A 185 2.87 16.07 10.11
N PHE A 186 2.55 15.98 8.82
CA PHE A 186 1.24 15.53 8.39
C PHE A 186 0.78 14.25 9.10
N THR A 187 1.63 13.23 9.11
CA THR A 187 1.27 11.97 9.74
C THR A 187 1.10 12.14 11.25
N ARG A 188 1.92 13.02 11.83
CA ARG A 188 1.84 13.27 13.25
C ARG A 188 0.43 13.79 13.57
N ASP A 189 -0.04 14.75 12.79
CA ASP A 189 -1.36 15.33 13.01
C ASP A 189 -2.52 14.35 12.78
N MET A 190 -2.40 13.46 11.81
CA MET A 190 -3.44 12.49 11.56
C MET A 190 -3.79 11.89 12.92
N GLY A 191 -2.74 11.51 13.65
CA GLY A 191 -2.92 10.96 14.98
C GLY A 191 -3.23 9.49 15.10
N ASN A 192 -3.22 8.77 13.98
CA ASN A 192 -3.51 7.33 14.01
C ASN A 192 -2.43 6.48 13.36
N VAL A 193 -1.32 7.12 13.00
CA VAL A 193 -0.22 6.40 12.38
C VAL A 193 0.54 5.69 13.49
N GLU A 194 0.64 4.37 13.40
CA GLU A 194 1.33 3.60 14.43
C GLU A 194 2.75 3.24 14.06
N LYS A 195 3.11 3.44 12.79
CA LYS A 195 4.45 3.11 12.35
C LYS A 195 4.68 3.46 10.89
N ILE A 196 5.89 3.91 10.59
CA ILE A 196 6.25 4.28 9.23
C ILE A 196 7.34 3.35 8.70
N GLU A 197 7.19 2.90 7.46
CA GLU A 197 8.19 2.04 6.86
C GLU A 197 8.88 2.80 5.74
N LEU A 198 10.20 2.98 5.88
CA LEU A 198 11.00 3.69 4.88
C LEU A 198 11.65 2.70 3.92
N LEU A 199 11.22 2.74 2.66
CA LEU A 199 11.74 1.86 1.64
C LEU A 199 12.64 2.62 0.69
N PRO A 200 13.90 2.20 0.56
CA PRO A 200 14.83 2.90 -0.33
C PRO A 200 14.52 2.55 -1.78
N TYR A 201 14.56 3.55 -2.66
CA TYR A 201 14.28 3.30 -4.06
C TYR A 201 15.06 2.10 -4.59
N HIS A 202 14.40 1.31 -5.43
CA HIS A 202 15.02 0.12 -6.02
C HIS A 202 14.59 -0.05 -7.46
N GLU A 203 15.56 -0.28 -8.33
CA GLU A 203 15.28 -0.47 -9.74
C GLU A 203 14.87 -1.91 -10.02
N LEU A 204 13.81 -2.35 -9.35
CA LEU A 204 13.29 -3.70 -9.54
C LEU A 204 12.00 -3.59 -10.32
N GLY A 205 11.73 -4.59 -11.16
CA GLY A 205 10.51 -4.57 -11.97
C GLY A 205 10.73 -3.80 -13.27
N LYS A 206 11.97 -3.42 -13.52
CA LYS A 206 12.35 -2.68 -14.73
C LYS A 206 12.14 -3.51 -16.00
N HIS A 207 12.20 -4.83 -15.86
CA HIS A 207 12.02 -5.72 -17.00
C HIS A 207 10.55 -5.81 -17.43
N LYS A 208 9.67 -5.22 -16.63
CA LYS A 208 8.25 -5.24 -16.95
C LYS A 208 7.92 -4.07 -17.87
N TRP A 209 8.70 -3.00 -17.74
CA TRP A 209 8.52 -1.81 -18.58
C TRP A 209 9.11 -2.09 -19.96
N VAL A 210 10.37 -2.52 -19.98
CA VAL A 210 11.07 -2.83 -21.22
C VAL A 210 10.34 -3.94 -21.96
N ALA A 211 9.81 -4.90 -21.22
CA ALA A 211 9.09 -6.02 -21.81
C ALA A 211 7.87 -5.51 -22.58
N MET A 212 7.15 -4.57 -21.98
CA MET A 212 5.96 -3.99 -22.61
C MET A 212 6.40 -2.87 -23.55
N GLY A 213 7.70 -2.82 -23.82
CA GLY A 213 8.23 -1.79 -24.68
C GLY A 213 7.83 -0.41 -24.20
N GLU A 214 8.37 -0.01 -23.05
CA GLU A 214 8.09 1.29 -22.47
C GLU A 214 9.36 1.86 -21.89
N GLU A 215 9.42 3.18 -21.76
CA GLU A 215 10.60 3.85 -21.23
C GLU A 215 10.57 4.11 -19.72
N TYR A 216 11.65 3.72 -19.05
CA TYR A 216 11.78 3.91 -17.61
C TYR A 216 12.63 5.13 -17.32
N LYS A 217 11.98 6.21 -16.85
CA LYS A 217 12.68 7.47 -16.54
C LYS A 217 13.52 7.46 -15.27
N LEU A 218 13.90 6.30 -14.76
CA LEU A 218 14.72 6.23 -13.56
C LEU A 218 15.85 5.22 -13.65
N ASP A 219 16.15 4.78 -14.86
CA ASP A 219 17.22 3.79 -15.07
C ASP A 219 18.59 4.34 -14.68
N GLY A 220 18.66 5.65 -14.45
CA GLY A 220 19.92 6.27 -14.08
C GLY A 220 20.00 6.66 -12.61
N VAL A 221 18.92 6.44 -11.88
CA VAL A 221 18.88 6.77 -10.45
C VAL A 221 19.25 5.55 -9.62
N LYS A 222 20.11 5.77 -8.63
CA LYS A 222 20.59 4.69 -7.76
C LYS A 222 19.97 4.77 -6.36
N PRO A 223 19.97 3.64 -5.63
CA PRO A 223 19.40 3.63 -4.28
C PRO A 223 19.92 4.81 -3.47
N PRO A 224 19.24 5.15 -2.37
CA PRO A 224 19.68 6.27 -1.54
C PRO A 224 20.87 5.89 -0.65
N LYS A 225 21.65 6.89 -0.26
CA LYS A 225 22.81 6.65 0.58
C LYS A 225 22.37 6.15 1.95
N LYS A 226 23.07 5.14 2.46
CA LYS A 226 22.75 4.57 3.77
C LYS A 226 22.59 5.69 4.79
N GLU A 227 23.37 6.75 4.62
CA GLU A 227 23.30 7.90 5.51
C GLU A 227 22.00 8.67 5.32
N THR A 228 21.62 8.85 4.05
CA THR A 228 20.39 9.56 3.73
C THR A 228 19.18 8.87 4.35
N MET A 229 19.15 7.54 4.30
CA MET A 229 18.05 6.80 4.89
C MET A 229 17.98 7.11 6.37
N GLU A 230 19.15 7.17 7.02
CA GLU A 230 19.22 7.45 8.44
C GLU A 230 18.77 8.88 8.73
N ARG A 231 18.99 9.77 7.76
CA ARG A 231 18.62 11.17 7.88
C ARG A 231 17.11 11.36 7.94
N VAL A 232 16.41 10.90 6.90
CA VAL A 232 14.96 11.03 6.87
C VAL A 232 14.37 10.30 8.06
N LYS A 233 14.83 9.07 8.28
CA LYS A 233 14.36 8.25 9.39
C LYS A 233 14.45 9.06 10.69
N GLY A 234 15.62 9.60 10.95
CA GLY A 234 15.82 10.40 12.16
C GLY A 234 14.90 11.61 12.20
N ILE A 235 14.60 12.17 11.03
CA ILE A 235 13.72 13.33 10.98
C ILE A 235 12.30 12.93 11.34
N LEU A 236 11.84 11.79 10.83
CA LEU A 236 10.50 11.32 11.10
C LEU A 236 10.31 10.95 12.57
N GLU A 237 11.34 10.38 13.18
CA GLU A 237 11.26 9.99 14.59
C GLU A 237 11.08 11.20 15.49
N GLN A 238 11.47 12.37 15.01
CA GLN A 238 11.32 13.60 15.80
C GLN A 238 9.85 13.97 15.98
N TYR A 239 8.99 13.44 15.11
CA TYR A 239 7.56 13.71 15.22
C TYR A 239 6.87 12.61 16.00
N GLY A 240 7.65 11.80 16.70
CA GLY A 240 7.11 10.72 17.49
C GLY A 240 6.63 9.51 16.72
N HIS A 241 7.37 9.10 15.70
CA HIS A 241 6.97 7.95 14.91
C HIS A 241 7.93 6.79 15.03
N LYS A 242 7.38 5.58 15.07
CA LYS A 242 8.19 4.38 15.12
C LYS A 242 8.52 4.11 13.65
N VAL A 243 9.79 4.24 13.30
CA VAL A 243 10.24 3.99 11.94
C VAL A 243 10.91 2.64 11.86
N MET A 244 10.16 1.65 11.37
CA MET A 244 10.65 0.29 11.27
C MET A 244 11.50 0.02 10.02
N PHE A 245 12.59 0.76 9.90
CA PHE A 245 13.51 0.61 8.78
C PHE A 245 14.72 -0.23 9.23
#